data_9IF9
#
_entry.id   9IF9
#
_cell.length_a   52.853
_cell.length_b   75.087
_cell.length_c   165.134
_cell.angle_alpha   90.00
_cell.angle_beta   90.00
_cell.angle_gamma   90.00
#
_symmetry.space_group_name_H-M   'P 21 21 21'
#
loop_
_entity.id
_entity.type
_entity.pdbx_description
1 polymer 'E3 ubiquitin-protein ligase pellino homolog 1'
2 polymer 'Mediator of DNA damage checkpoint protein 1'
3 non-polymer 'SULFATE ION'
4 water water
#
loop_
_entity_poly.entity_id
_entity_poly.type
_entity_poly.pdbx_seq_one_letter_code
_entity_poly.pdbx_strand_id
1 'polypeptide(L)'
;APVKYGELIVLGYNGSLPNGDRGRRKSRFALFKRPKANGVKPSTVHIACTPQAAKAISNKDQHSISYTLSRAQTVVVEYT
HDSNTDMFQIGRSTESPIDFVVTDTVPGSQSNSDTQSVQSTISRFACRIICERNPPFTARIYAAGFDSSKNIFLGEKAAK
WKTSDGQMDGLTTNGVLVMHPRNGFTEDSKPGIWREISVCGNVFSLRETRSAQQRGKMVEIETNQLQDGSLIDLCGATLL
WRTAEGLSHTP
;
B,A
2 'polypeptide(L)' AYEDSE(TPO)QPFD C,D
#
# COMPACT_ATOMS: atom_id res chain seq x y z
N ALA A 1 17.40 -13.33 -21.75
CA ALA A 1 16.78 -12.52 -20.68
C ALA A 1 15.38 -13.00 -20.35
N PRO A 2 15.16 -13.35 -19.08
CA PRO A 2 13.87 -13.92 -18.71
C PRO A 2 12.80 -12.83 -18.68
N VAL A 3 11.57 -13.23 -19.02
CA VAL A 3 10.44 -12.32 -18.95
C VAL A 3 10.15 -11.99 -17.49
N LYS A 4 10.08 -10.70 -17.17
CA LYS A 4 9.72 -10.25 -15.82
C LYS A 4 8.21 -10.06 -15.77
N TYR A 5 7.51 -11.01 -15.15
CA TYR A 5 6.07 -10.90 -14.95
C TYR A 5 5.71 -9.64 -14.16
N GLY A 6 6.46 -9.36 -13.11
CA GLY A 6 6.13 -8.26 -12.22
C GLY A 6 6.85 -8.38 -10.90
N GLU A 7 6.61 -7.39 -10.05
CA GLU A 7 7.35 -7.27 -8.80
C GLU A 7 6.39 -7.03 -7.65
N LEU A 8 6.66 -7.69 -6.53
CA LEU A 8 5.85 -7.53 -5.34
C LEU A 8 6.65 -6.68 -4.36
N ILE A 9 6.00 -5.70 -3.74
CA ILE A 9 6.64 -4.77 -2.82
C ILE A 9 5.86 -4.78 -1.51
N VAL A 10 6.57 -4.95 -0.40
CA VAL A 10 5.93 -5.00 0.91
C VAL A 10 5.68 -3.58 1.42
N LEU A 11 4.44 -3.31 1.84
CA LEU A 11 4.06 -2.00 2.35
C LEU A 11 4.23 -2.04 3.86
N GLY A 12 5.42 -1.70 4.33
CA GLY A 12 5.80 -1.96 5.72
C GLY A 12 4.93 -1.19 6.71
N TYR A 13 4.43 -1.93 7.72
CA TYR A 13 3.61 -1.37 8.81
C TYR A 13 4.47 -0.60 9.81
N ASN A 14 5.73 -0.97 9.97
CA ASN A 14 6.57 -0.38 11.00
C ASN A 14 6.75 1.12 10.82
N GLY A 15 6.95 1.57 9.57
CA GLY A 15 7.36 2.94 9.36
C GLY A 15 8.85 3.15 9.44
N SER A 16 9.63 2.09 9.28
CA SER A 16 11.08 2.15 9.14
C SER A 16 11.45 2.50 7.70
N LEU A 17 12.75 2.59 7.44
CA LEU A 17 13.21 2.92 6.08
C LEU A 17 13.27 1.65 5.24
N PRO A 18 12.47 1.57 4.16
CA PRO A 18 12.25 0.47 3.20
C PRO A 18 13.50 -0.27 2.72
N GLY A 23 15.00 -9.91 -2.51
CA GLY A 23 15.22 -11.28 -2.07
C GLY A 23 14.06 -12.11 -1.52
N ARG A 24 14.21 -13.43 -1.38
CA ARG A 24 13.08 -14.28 -0.93
C ARG A 24 12.53 -13.77 0.41
N ARG A 25 13.41 -13.29 1.28
CA ARG A 25 12.96 -12.75 2.56
C ARG A 25 13.06 -11.23 2.70
N LYS A 26 13.41 -10.53 1.62
CA LYS A 26 13.61 -9.09 1.59
C LYS A 26 12.24 -8.41 1.45
N SER A 27 12.20 -7.14 1.05
CA SER A 27 10.96 -6.37 0.96
C SER A 27 10.37 -6.31 -0.43
N ARG A 28 11.14 -6.67 -1.45
CA ARG A 28 10.70 -6.68 -2.84
C ARG A 28 11.10 -8.01 -3.43
N PHE A 29 10.23 -8.58 -4.25
CA PHE A 29 10.52 -9.83 -4.94
C PHE A 29 9.94 -9.75 -6.34
N ALA A 30 10.80 -9.91 -7.34
CA ALA A 30 10.33 -9.99 -8.72
C ALA A 30 9.92 -11.41 -9.06
N LEU A 31 9.00 -11.52 -10.01
CA LEU A 31 8.53 -12.81 -10.50
C LEU A 31 8.99 -12.90 -11.94
N PHE A 32 9.69 -13.98 -12.27
CA PHE A 32 10.29 -14.14 -13.59
C PHE A 32 9.78 -15.44 -14.19
N LYS A 33 9.53 -15.43 -15.50
CA LYS A 33 9.23 -16.65 -16.25
C LYS A 33 10.27 -17.71 -15.93
N ARG A 34 9.77 -18.98 -15.58
CA ARG A 34 10.61 -20.09 -15.14
C ARG A 34 11.09 -20.90 -16.34
N PRO A 35 12.30 -21.48 -16.23
CA PRO A 35 12.83 -22.35 -17.31
C PRO A 35 11.87 -23.44 -17.78
N LYS A 36 11.27 -24.23 -16.87
CA LYS A 36 10.17 -25.13 -17.18
C LYS A 36 8.92 -24.73 -16.38
N ALA A 37 7.78 -24.70 -17.07
CA ALA A 37 6.51 -24.32 -16.45
C ALA A 37 6.15 -25.22 -15.28
N ASN A 38 5.67 -24.61 -14.18
CA ASN A 38 5.34 -25.30 -12.94
C ASN A 38 3.90 -25.06 -12.51
N GLY A 39 3.08 -24.49 -13.36
CA GLY A 39 1.73 -24.16 -12.95
C GLY A 39 0.83 -25.36 -12.97
N VAL A 40 -0.20 -25.28 -12.14
CA VAL A 40 -1.20 -26.33 -12.08
C VAL A 40 -2.52 -25.74 -12.53
N LYS A 41 -3.48 -26.63 -12.82
CA LYS A 41 -4.81 -26.26 -13.25
C LYS A 41 -5.78 -27.29 -12.69
N PRO A 42 -7.07 -26.97 -12.55
CA PRO A 42 -8.03 -27.92 -11.99
C PRO A 42 -8.11 -29.21 -12.82
N SER A 43 -8.48 -30.31 -12.14
CA SER A 43 -8.56 -31.62 -12.79
C SER A 43 -9.59 -32.50 -12.09
N THR A 44 -9.25 -33.74 -11.76
CA THR A 44 -10.27 -34.73 -11.40
C THR A 44 -10.83 -34.46 -10.02
N VAL A 45 -12.14 -34.65 -9.87
CA VAL A 45 -12.86 -34.47 -8.62
C VAL A 45 -13.19 -35.83 -8.02
N HIS A 46 -12.94 -35.99 -6.72
CA HIS A 46 -13.30 -37.18 -5.96
C HIS A 46 -14.23 -36.81 -4.81
N ILE A 47 -15.23 -37.63 -4.56
CA ILE A 47 -16.23 -37.31 -3.54
C ILE A 47 -16.23 -38.32 -2.38
N ALA A 48 -15.40 -39.35 -2.45
CA ALA A 48 -15.29 -40.27 -1.33
C ALA A 48 -13.90 -40.88 -1.35
N CYS A 49 -13.47 -41.40 -0.20
CA CYS A 49 -12.10 -41.89 -0.10
C CYS A 49 -11.81 -43.11 -0.98
N THR A 50 -11.96 -42.93 -2.29
CA THR A 50 -11.57 -43.94 -3.25
C THR A 50 -10.04 -44.01 -3.33
N PRO A 51 -9.49 -45.14 -3.82
CA PRO A 51 -8.04 -45.26 -3.80
C PRO A 51 -7.35 -44.19 -4.60
N GLN A 52 -7.95 -43.79 -5.74
CA GLN A 52 -7.43 -42.65 -6.47
C GLN A 52 -7.49 -41.38 -5.65
N ALA A 53 -8.62 -41.15 -4.99
CA ALA A 53 -8.73 -39.99 -4.10
C ALA A 53 -7.64 -40.02 -3.04
N ALA A 54 -7.32 -41.21 -2.53
CA ALA A 54 -6.25 -41.35 -1.54
C ALA A 54 -4.90 -41.09 -2.17
N LYS A 55 -4.69 -41.55 -3.41
CA LYS A 55 -3.47 -41.24 -4.14
C LYS A 55 -3.28 -39.72 -4.27
N ALA A 56 -4.35 -38.99 -4.56
CA ALA A 56 -4.25 -37.54 -4.74
C ALA A 56 -3.69 -36.83 -3.50
N ILE A 57 -3.90 -37.39 -2.31
CA ILE A 57 -3.48 -36.69 -1.10
C ILE A 57 -2.12 -37.18 -0.59
N SER A 58 -1.86 -38.49 -0.66
CA SER A 58 -0.63 -39.00 -0.06
C SER A 58 0.54 -38.90 -1.03
N ASN A 59 0.28 -38.86 -2.32
CA ASN A 59 1.34 -38.70 -3.30
C ASN A 59 1.86 -37.27 -3.23
N LYS A 60 3.12 -37.13 -2.80
CA LYS A 60 3.68 -35.79 -2.65
C LYS A 60 4.14 -35.20 -3.98
N ASP A 61 3.87 -35.90 -5.09
CA ASP A 61 4.15 -35.43 -6.44
C ASP A 61 2.90 -34.97 -7.17
N GLN A 62 1.77 -34.87 -6.49
CA GLN A 62 0.48 -34.52 -7.07
C GLN A 62 -0.10 -33.40 -6.22
N HIS A 63 -0.45 -32.29 -6.85
CA HIS A 63 -1.21 -31.28 -6.14
C HIS A 63 -2.63 -31.74 -5.92
N SER A 64 -3.23 -31.28 -4.83
CA SER A 64 -4.62 -31.58 -4.58
C SER A 64 -5.17 -30.58 -3.56
N ILE A 65 -6.50 -30.42 -3.58
CA ILE A 65 -7.23 -29.53 -2.67
C ILE A 65 -8.37 -30.30 -2.04
N SER A 66 -8.47 -30.25 -0.71
CA SER A 66 -9.42 -31.05 0.06
C SER A 66 -10.47 -30.15 0.70
N TYR A 67 -11.73 -30.31 0.30
CA TYR A 67 -12.85 -29.50 0.79
C TYR A 67 -13.64 -30.31 1.80
N THR A 68 -13.53 -29.95 3.08
CA THR A 68 -14.17 -30.67 4.19
C THR A 68 -15.63 -30.21 4.33
N LEU A 69 -16.52 -30.83 3.57
CA LEU A 69 -17.94 -30.48 3.64
C LEU A 69 -18.56 -30.88 4.97
N SER A 70 -18.15 -32.04 5.50
CA SER A 70 -18.86 -32.64 6.62
C SER A 70 -17.93 -33.60 7.35
N ARG A 71 -18.41 -34.08 8.50
CA ARG A 71 -17.65 -35.08 9.22
C ARG A 71 -17.50 -36.34 8.38
N ALA A 72 -18.46 -36.60 7.48
CA ALA A 72 -18.48 -37.82 6.68
C ALA A 72 -17.94 -37.63 5.25
N GLN A 73 -17.62 -36.41 4.85
CA GLN A 73 -17.22 -36.16 3.47
C GLN A 73 -16.15 -35.07 3.40
N THR A 74 -15.05 -35.37 2.71
CA THR A 74 -14.15 -34.34 2.21
C THR A 74 -13.91 -34.60 0.74
N VAL A 75 -13.91 -33.55 -0.08
CA VAL A 75 -13.85 -33.66 -1.53
C VAL A 75 -12.45 -33.30 -2.01
N VAL A 76 -11.84 -34.18 -2.79
CA VAL A 76 -10.45 -34.03 -3.21
C VAL A 76 -10.44 -33.69 -4.71
N VAL A 77 -10.14 -32.41 -4.99
CA VAL A 77 -9.98 -31.89 -6.34
C VAL A 77 -8.50 -31.92 -6.69
N GLU A 78 -8.15 -32.69 -7.73
CA GLU A 78 -6.76 -32.72 -8.16
C GLU A 78 -6.46 -31.49 -9.01
N TYR A 79 -5.18 -31.16 -9.10
CA TYR A 79 -4.68 -30.17 -10.05
C TYR A 79 -3.49 -30.76 -10.78
N THR A 80 -3.53 -30.69 -12.11
CA THR A 80 -2.47 -31.25 -12.94
C THR A 80 -1.67 -30.16 -13.63
N HIS A 81 -0.57 -30.62 -14.23
CA HIS A 81 0.39 -29.73 -14.85
C HIS A 81 -0.30 -28.84 -15.88
N ASP A 82 0.13 -27.58 -15.89
CA ASP A 82 -0.25 -26.62 -16.91
C ASP A 82 1.03 -26.08 -17.51
N SER A 83 1.32 -26.48 -18.75
CA SER A 83 2.55 -26.05 -19.40
C SER A 83 2.51 -24.58 -19.84
N ASN A 84 1.32 -23.97 -19.87
CA ASN A 84 1.13 -22.61 -20.35
C ASN A 84 1.28 -21.57 -19.27
N THR A 85 1.70 -21.97 -18.07
CA THR A 85 1.50 -21.09 -16.95
C THR A 85 2.60 -21.33 -15.92
N ASP A 86 2.90 -20.27 -15.18
CA ASP A 86 3.87 -20.32 -14.09
C ASP A 86 3.17 -19.93 -12.81
N MET A 87 3.50 -20.64 -11.73
CA MET A 87 2.87 -20.46 -10.44
C MET A 87 3.90 -20.03 -9.40
N PHE A 88 3.50 -19.07 -8.56
CA PHE A 88 4.31 -18.46 -7.52
C PHE A 88 3.47 -18.39 -6.26
N GLN A 89 4.11 -18.53 -5.10
CA GLN A 89 3.36 -18.62 -3.85
C GLN A 89 3.97 -17.71 -2.78
N ILE A 90 3.10 -17.09 -1.98
CA ILE A 90 3.46 -16.14 -0.94
C ILE A 90 2.93 -16.67 0.39
N GLY A 91 3.65 -16.43 1.49
CA GLY A 91 3.09 -16.78 2.77
C GLY A 91 4.09 -16.69 3.90
N ARG A 92 3.61 -17.11 5.09
CA ARG A 92 4.41 -17.04 6.31
C ARG A 92 5.50 -18.10 6.36
N SER A 93 5.22 -19.29 5.85
CA SER A 93 6.18 -20.38 5.93
C SER A 93 7.43 -20.04 5.14
N THR A 94 8.53 -20.70 5.51
CA THR A 94 9.82 -20.56 4.83
C THR A 94 10.20 -21.81 4.05
N GLU A 95 9.27 -22.76 3.90
CA GLU A 95 9.53 -24.02 3.24
C GLU A 95 9.74 -23.79 1.75
N SER A 96 10.19 -24.83 1.06
CA SER A 96 10.47 -24.65 -0.36
C SER A 96 9.27 -24.22 -1.20
N PRO A 97 8.01 -24.55 -0.88
CA PRO A 97 6.91 -24.10 -1.75
C PRO A 97 6.66 -22.59 -1.73
N ILE A 98 7.07 -21.88 -0.69
CA ILE A 98 6.88 -20.43 -0.62
C ILE A 98 7.99 -19.75 -1.38
N ASP A 99 7.63 -18.99 -2.40
CA ASP A 99 8.63 -18.28 -3.18
C ASP A 99 8.96 -16.91 -2.61
N PHE A 100 8.07 -16.34 -1.78
CA PHE A 100 8.29 -15.03 -1.16
C PHE A 100 7.77 -15.10 0.27
N VAL A 101 8.69 -15.20 1.23
CA VAL A 101 8.29 -15.27 2.63
C VAL A 101 7.85 -13.88 3.06
N VAL A 102 6.91 -13.84 4.01
CA VAL A 102 6.27 -12.60 4.41
C VAL A 102 5.98 -12.68 5.91
N THR A 103 6.33 -11.63 6.64
CA THR A 103 6.22 -11.61 8.10
C THR A 103 5.26 -10.53 8.57
N ASP A 104 4.94 -10.57 9.85
CA ASP A 104 4.16 -9.50 10.45
C ASP A 104 5.02 -8.28 10.63
N THR A 105 4.67 -7.22 9.93
CA THR A 105 5.42 -5.97 10.00
C THR A 105 4.97 -5.08 11.15
N VAL A 106 3.88 -5.44 11.83
CA VAL A 106 3.22 -4.56 12.80
C VAL A 106 4.15 -4.20 13.95
N PRO A 107 5.09 -5.08 14.37
CA PRO A 107 6.18 -4.70 15.28
C PRO A 107 6.78 -3.35 14.95
N VAL A 118 4.42 -15.88 19.14
CA VAL A 118 4.66 -16.48 17.83
C VAL A 118 3.33 -16.69 17.10
N GLN A 119 2.31 -15.95 17.55
CA GLN A 119 0.99 -16.01 16.95
C GLN A 119 0.92 -15.06 15.76
N SER A 120 0.31 -15.53 14.68
CA SER A 120 0.17 -14.70 13.49
C SER A 120 -1.15 -15.02 12.80
N THR A 121 -1.75 -14.00 12.19
CA THR A 121 -2.94 -14.16 11.37
C THR A 121 -2.62 -14.41 9.90
N ILE A 122 -1.34 -14.45 9.52
CA ILE A 122 -0.93 -14.67 8.14
C ILE A 122 -0.77 -16.16 7.91
N SER A 123 -1.37 -16.68 6.84
CA SER A 123 -1.28 -18.10 6.59
C SER A 123 0.12 -18.50 6.16
N ARG A 124 0.51 -19.70 6.58
CA ARG A 124 1.80 -20.23 6.18
C ARG A 124 1.92 -20.31 4.67
N PHE A 125 0.81 -20.61 3.99
CA PHE A 125 0.76 -20.62 2.53
C PHE A 125 -0.37 -19.68 2.09
N ALA A 126 -0.05 -18.38 2.03
CA ALA A 126 -1.07 -17.35 1.95
C ALA A 126 -1.86 -17.44 0.66
N CYS A 127 -1.19 -17.42 -0.48
CA CYS A 127 -1.86 -17.40 -1.77
C CYS A 127 -0.89 -17.86 -2.84
N ARG A 128 -1.40 -18.08 -4.05
CA ARG A 128 -0.56 -18.34 -5.20
C ARG A 128 -0.89 -17.34 -6.29
N ILE A 129 0.14 -16.92 -7.02
CA ILE A 129 0.00 -16.01 -8.16
C ILE A 129 0.43 -16.78 -9.39
N ILE A 130 -0.43 -16.81 -10.40
CA ILE A 130 -0.23 -17.64 -11.57
C ILE A 130 -0.12 -16.74 -12.78
N CYS A 131 0.98 -16.87 -13.51
CA CYS A 131 1.32 -15.93 -14.56
C CYS A 131 1.43 -16.67 -15.88
N GLU A 132 0.83 -16.13 -16.93
CA GLU A 132 0.96 -16.72 -18.25
C GLU A 132 2.39 -16.62 -18.76
N ARG A 133 2.83 -17.66 -19.48
CA ARG A 133 4.18 -17.72 -19.99
C ARG A 133 4.33 -17.10 -21.36
N ASN A 134 3.21 -16.80 -22.03
CA ASN A 134 3.21 -16.09 -23.29
C ASN A 134 2.39 -14.80 -23.20
N PRO A 135 2.72 -13.80 -24.01
CA PRO A 135 2.07 -12.49 -23.88
C PRO A 135 0.56 -12.60 -23.94
N PRO A 136 -0.17 -11.73 -23.23
CA PRO A 136 0.30 -10.58 -22.43
C PRO A 136 0.83 -10.94 -21.07
N PHE A 137 1.14 -12.20 -20.76
CA PHE A 137 1.74 -12.57 -19.47
C PHE A 137 0.81 -12.23 -18.29
N THR A 138 -0.50 -12.27 -18.52
CA THR A 138 -1.47 -11.91 -17.49
C THR A 138 -1.24 -12.74 -16.22
N ALA A 139 -1.29 -12.07 -15.07
CA ALA A 139 -1.11 -12.69 -13.76
C ALA A 139 -2.43 -12.72 -12.98
N ARG A 140 -2.82 -13.90 -12.49
CA ARG A 140 -4.03 -14.08 -11.71
C ARG A 140 -3.69 -14.53 -10.30
N ILE A 141 -4.54 -14.17 -9.35
CA ILE A 141 -4.29 -14.45 -7.93
C ILE A 141 -5.37 -15.39 -7.39
N TYR A 142 -4.95 -16.34 -6.56
CA TYR A 142 -5.82 -17.31 -5.93
C TYR A 142 -5.51 -17.35 -4.45
N ALA A 143 -6.51 -17.70 -3.65
CA ALA A 143 -6.32 -17.79 -2.21
C ALA A 143 -5.72 -19.13 -1.83
N ALA A 144 -4.85 -19.11 -0.81
CA ALA A 144 -4.16 -20.28 -0.25
C ALA A 144 -3.16 -20.86 -1.23
N GLY A 145 -2.10 -21.46 -0.71
CA GLY A 145 -1.12 -22.11 -1.55
C GLY A 145 -0.93 -23.55 -1.10
N PHE A 146 -0.13 -24.28 -1.88
CA PHE A 146 0.09 -25.69 -1.61
C PHE A 146 1.23 -25.89 -0.60
N ASP A 147 1.03 -26.83 0.33
CA ASP A 147 2.00 -27.16 1.37
C ASP A 147 3.14 -27.99 0.77
N SER A 148 4.02 -28.51 1.61
CA SER A 148 5.12 -29.32 1.10
C SER A 148 4.67 -30.69 0.60
N SER A 149 3.42 -31.07 0.85
CA SER A 149 2.83 -32.27 0.27
C SER A 149 2.13 -31.98 -1.04
N LYS A 150 2.15 -30.72 -1.47
CA LYS A 150 1.39 -30.24 -2.61
C LYS A 150 -0.12 -30.35 -2.37
N ASN A 151 -0.55 -30.19 -1.12
CA ASN A 151 -1.95 -30.28 -0.74
C ASN A 151 -2.46 -28.97 -0.16
N ILE A 152 -3.67 -28.57 -0.55
CA ILE A 152 -4.35 -27.46 0.09
C ILE A 152 -5.54 -28.05 0.82
N PHE A 153 -5.79 -27.52 2.02
CA PHE A 153 -6.85 -28.00 2.90
C PHE A 153 -7.76 -26.85 3.22
N LEU A 154 -9.04 -27.06 3.06
CA LEU A 154 -10.07 -26.14 3.49
C LEU A 154 -10.90 -26.90 4.53
N GLY A 155 -10.73 -26.54 5.80
CA GLY A 155 -11.30 -27.28 6.91
C GLY A 155 -12.80 -27.11 7.04
N GLU A 156 -13.37 -27.85 8.00
CA GLU A 156 -14.83 -27.92 8.14
C GLU A 156 -15.43 -26.53 8.36
N LYS A 157 -14.81 -25.75 9.25
CA LYS A 157 -15.37 -24.46 9.67
C LYS A 157 -15.26 -23.37 8.60
N ALA A 158 -14.37 -23.52 7.61
CA ALA A 158 -14.24 -22.49 6.58
C ALA A 158 -15.45 -22.49 5.65
N ALA A 159 -15.55 -21.44 4.85
CA ALA A 159 -16.70 -21.28 3.97
C ALA A 159 -16.46 -21.98 2.63
N LYS A 160 -17.44 -22.78 2.20
CA LYS A 160 -17.35 -23.39 0.88
C LYS A 160 -18.74 -23.40 0.29
N TRP A 161 -18.80 -23.75 -1.00
CA TRP A 161 -20.07 -23.83 -1.71
C TRP A 161 -19.83 -24.63 -2.99
N LYS A 162 -20.92 -25.02 -3.62
CA LYS A 162 -20.88 -25.60 -4.94
C LYS A 162 -21.21 -24.48 -5.92
N THR A 163 -20.55 -24.47 -7.09
CA THR A 163 -20.69 -23.38 -8.06
C THR A 163 -21.88 -23.62 -8.97
N SER A 164 -22.11 -22.68 -9.91
CA SER A 164 -23.04 -22.91 -11.01
C SER A 164 -22.63 -24.15 -11.80
N ASP A 165 -21.33 -24.31 -12.06
CA ASP A 165 -20.73 -25.46 -12.73
C ASP A 165 -20.77 -26.70 -11.82
N GLY A 166 -21.30 -26.54 -10.61
CA GLY A 166 -21.37 -27.62 -9.67
C GLY A 166 -19.99 -28.04 -9.17
N GLN A 167 -19.10 -27.08 -9.00
CA GLN A 167 -17.73 -27.34 -8.60
C GLN A 167 -17.51 -26.86 -7.18
N MET A 168 -16.44 -27.34 -6.57
CA MET A 168 -16.10 -26.83 -5.25
C MET A 168 -15.40 -25.47 -5.35
N ASP A 169 -15.65 -24.63 -4.34
CA ASP A 169 -14.92 -23.39 -4.17
C ASP A 169 -15.07 -23.00 -2.71
N GLY A 170 -14.17 -22.15 -2.23
CA GLY A 170 -14.23 -21.77 -0.83
C GLY A 170 -13.34 -20.58 -0.52
N LEU A 171 -13.42 -20.15 0.74
CA LEU A 171 -12.62 -19.05 1.27
C LEU A 171 -11.66 -19.58 2.31
N THR A 172 -10.50 -18.94 2.42
CA THR A 172 -9.66 -19.20 3.57
C THR A 172 -10.33 -18.65 4.82
N THR A 173 -9.68 -18.83 5.97
CA THR A 173 -10.27 -18.35 7.20
C THR A 173 -10.30 -16.83 7.23
N ASN A 174 -9.12 -16.20 7.20
CA ASN A 174 -9.06 -14.75 7.24
C ASN A 174 -9.23 -14.11 5.86
N GLY A 175 -9.25 -14.91 4.79
CA GLY A 175 -9.46 -14.38 3.45
C GLY A 175 -8.27 -13.70 2.79
N VAL A 176 -8.21 -13.75 1.47
CA VAL A 176 -7.25 -13.00 0.68
C VAL A 176 -7.99 -11.84 0.06
N LEU A 177 -7.48 -10.63 0.28
CA LEU A 177 -8.17 -9.37 0.00
C LEU A 177 -7.40 -8.60 -1.05
N VAL A 178 -8.07 -8.22 -2.14
CA VAL A 178 -7.43 -7.54 -3.27
C VAL A 178 -8.28 -6.33 -3.69
N MET A 179 -7.62 -5.20 -3.92
CA MET A 179 -8.28 -4.04 -4.52
C MET A 179 -7.49 -3.61 -5.75
N HIS A 180 -8.14 -3.63 -6.93
CA HIS A 180 -7.45 -3.22 -8.14
C HIS A 180 -7.56 -1.72 -8.31
N PRO A 181 -6.70 -1.13 -9.17
CA PRO A 181 -6.92 0.29 -9.51
C PRO A 181 -8.27 0.53 -10.16
N ARG A 182 -8.69 -0.37 -11.07
CA ARG A 182 -9.92 -0.23 -11.83
C ARG A 182 -10.76 -1.48 -11.65
N ASN A 183 -12.08 -1.35 -11.83
CA ASN A 183 -12.93 -2.54 -11.79
C ASN A 183 -12.88 -3.30 -13.11
N GLY A 184 -12.63 -2.60 -14.21
CA GLY A 184 -12.53 -3.22 -15.51
C GLY A 184 -11.99 -2.22 -16.51
N PHE A 185 -12.11 -2.58 -17.79
CA PHE A 185 -11.65 -1.72 -18.89
C PHE A 185 -12.76 -1.61 -19.93
N THR A 186 -13.84 -0.93 -19.52
CA THR A 186 -15.00 -0.67 -20.36
C THR A 186 -15.40 0.81 -20.33
N GLU A 187 -16.57 1.10 -20.92
CA GLU A 187 -17.07 2.47 -20.97
C GLU A 187 -17.76 2.90 -19.68
N ASP A 188 -18.19 1.94 -18.83
CA ASP A 188 -18.68 2.20 -17.48
C ASP A 188 -17.63 1.89 -16.41
N SER A 189 -16.35 1.88 -16.79
CA SER A 189 -15.31 1.44 -15.86
C SER A 189 -15.19 2.43 -14.69
N LYS A 190 -14.91 1.89 -13.53
CA LYS A 190 -14.92 2.61 -12.27
C LYS A 190 -13.63 2.29 -11.52
N PRO A 191 -13.25 3.12 -10.54
CA PRO A 191 -12.20 2.69 -9.61
C PRO A 191 -12.61 1.40 -8.89
N GLY A 192 -11.62 0.69 -8.38
CA GLY A 192 -11.83 -0.61 -7.75
C GLY A 192 -11.84 -0.50 -6.24
N ILE A 193 -12.62 -1.39 -5.62
CA ILE A 193 -12.84 -1.40 -4.18
C ILE A 193 -12.26 -2.71 -3.65
N TRP A 194 -12.03 -2.75 -2.33
CA TRP A 194 -11.51 -3.96 -1.71
C TRP A 194 -12.47 -5.14 -1.92
N ARG A 195 -11.94 -6.25 -2.43
CA ARG A 195 -12.72 -7.43 -2.72
C ARG A 195 -12.02 -8.67 -2.18
N GLU A 196 -12.78 -9.76 -2.06
CA GLU A 196 -12.28 -11.04 -1.58
C GLU A 196 -12.09 -12.00 -2.75
N ILE A 197 -10.98 -12.73 -2.71
CA ILE A 197 -10.65 -13.73 -3.71
C ILE A 197 -10.71 -15.11 -3.05
N SER A 198 -11.24 -16.07 -3.78
CA SER A 198 -11.46 -17.43 -3.31
C SER A 198 -10.27 -18.32 -3.64
N VAL A 199 -10.31 -19.55 -3.12
CA VAL A 199 -9.33 -20.57 -3.49
C VAL A 199 -9.32 -20.79 -4.99
N CYS A 200 -10.37 -20.38 -5.69
CA CYS A 200 -10.45 -20.56 -7.12
C CYS A 200 -10.43 -19.26 -7.89
N GLY A 201 -10.26 -18.13 -7.21
CA GLY A 201 -10.04 -16.87 -7.91
C GLY A 201 -11.29 -16.10 -8.28
N ASN A 202 -12.42 -16.44 -7.71
CA ASN A 202 -13.61 -15.67 -8.03
C ASN A 202 -13.75 -14.54 -7.02
N VAL A 203 -14.44 -13.49 -7.43
CA VAL A 203 -14.47 -12.27 -6.63
C VAL A 203 -15.74 -12.27 -5.80
N PHE A 204 -15.63 -11.80 -4.56
CA PHE A 204 -16.78 -11.71 -3.69
C PHE A 204 -16.66 -10.41 -2.93
N SER A 205 -17.83 -9.85 -2.55
CA SER A 205 -17.81 -8.67 -1.71
C SER A 205 -17.30 -9.03 -0.32
N LEU A 206 -16.76 -8.03 0.37
CA LEU A 206 -16.15 -8.27 1.67
C LEU A 206 -17.17 -8.84 2.66
N ARG A 207 -16.65 -9.55 3.66
CA ARG A 207 -17.47 -10.11 4.71
C ARG A 207 -17.88 -9.01 5.69
N GLU A 208 -18.68 -9.38 6.69
CA GLU A 208 -19.09 -8.41 7.71
C GLU A 208 -18.04 -8.27 8.79
N THR A 209 -17.42 -9.37 9.17
CA THR A 209 -16.20 -9.37 9.95
C THR A 209 -15.13 -10.13 9.15
N ARG A 210 -13.89 -9.97 9.59
CA ARG A 210 -12.77 -10.50 8.80
C ARG A 210 -12.91 -12.00 8.59
N SER A 211 -12.91 -12.78 9.69
CA SER A 211 -13.01 -14.23 9.63
C SER A 211 -14.44 -14.76 9.79
N ALA A 212 -15.44 -13.96 9.45
CA ALA A 212 -16.84 -14.39 9.57
C ALA A 212 -17.11 -15.63 8.71
N GLN A 213 -17.98 -16.53 9.20
CA GLN A 213 -18.26 -17.75 8.42
C GLN A 213 -19.00 -17.45 7.11
N GLN A 214 -19.91 -16.48 7.10
CA GLN A 214 -20.68 -16.25 5.88
C GLN A 214 -19.84 -15.51 4.84
N ARG A 215 -19.85 -16.04 3.61
CA ARG A 215 -19.18 -15.40 2.49
C ARG A 215 -19.92 -14.13 2.07
N GLY A 216 -19.19 -13.17 1.51
CA GLY A 216 -19.85 -12.04 0.89
C GLY A 216 -20.69 -12.48 -0.30
N LYS A 217 -21.25 -11.51 -1.02
CA LYS A 217 -22.04 -11.85 -2.18
C LYS A 217 -21.11 -11.95 -3.39
N MET A 218 -21.47 -12.83 -4.31
CA MET A 218 -20.76 -12.94 -5.57
C MET A 218 -20.70 -11.59 -6.27
N VAL A 219 -19.54 -11.31 -6.87
CA VAL A 219 -19.33 -10.10 -7.63
C VAL A 219 -19.00 -10.54 -9.04
N GLU A 220 -19.92 -10.36 -9.97
CA GLU A 220 -19.63 -10.78 -11.31
C GLU A 220 -18.73 -9.74 -11.98
N ILE A 221 -18.30 -10.03 -13.21
CA ILE A 221 -17.62 -9.08 -14.10
C ILE A 221 -16.19 -8.80 -13.67
N GLU A 222 -15.96 -8.41 -12.42
CA GLU A 222 -14.61 -8.19 -11.94
C GLU A 222 -13.88 -9.53 -11.83
N THR A 223 -12.58 -9.54 -12.14
CA THR A 223 -11.82 -10.78 -12.10
C THR A 223 -10.68 -10.71 -11.09
N ASN A 224 -9.88 -11.76 -11.07
CA ASN A 224 -8.65 -11.81 -10.29
C ASN A 224 -7.43 -11.53 -11.13
N GLN A 225 -7.60 -10.79 -12.22
CA GLN A 225 -6.48 -10.42 -13.06
C GLN A 225 -5.78 -9.23 -12.42
N LEU A 226 -4.56 -9.45 -11.94
CA LEU A 226 -3.84 -8.36 -11.30
C LEU A 226 -3.55 -7.26 -12.29
N GLN A 227 -3.78 -6.02 -11.87
CA GLN A 227 -3.39 -4.85 -12.65
C GLN A 227 -2.19 -4.20 -12.02
N ASP A 228 -1.55 -3.32 -12.78
CA ASP A 228 -0.46 -2.51 -12.26
C ASP A 228 -1.02 -1.58 -11.18
N GLY A 229 -0.63 -1.83 -9.93
CA GLY A 229 -1.15 -1.08 -8.80
C GLY A 229 -2.12 -1.86 -7.93
N SER A 230 -2.39 -3.12 -8.26
CA SER A 230 -3.22 -3.97 -7.41
C SER A 230 -2.58 -4.10 -6.04
N LEU A 231 -3.40 -4.10 -4.99
CA LEU A 231 -2.93 -4.27 -3.63
C LEU A 231 -3.49 -5.58 -3.05
N ILE A 232 -2.61 -6.36 -2.42
CA ILE A 232 -2.93 -7.68 -1.89
C ILE A 232 -2.78 -7.65 -0.38
N ASP A 233 -3.89 -7.73 0.35
CA ASP A 233 -3.87 -7.77 1.81
C ASP A 233 -4.00 -9.22 2.29
N LEU A 234 -3.00 -9.70 3.02
CA LEU A 234 -2.95 -11.07 3.51
C LEU A 234 -3.22 -11.16 5.01
N CYS A 235 -3.99 -10.21 5.55
CA CYS A 235 -4.32 -10.13 6.99
C CYS A 235 -3.06 -10.06 7.86
N GLY A 236 -2.46 -8.87 7.88
CA GLY A 236 -1.23 -8.64 8.62
C GLY A 236 -0.03 -8.35 7.75
N ALA A 237 -0.18 -8.51 6.44
CA ALA A 237 0.80 -8.09 5.45
C ALA A 237 0.05 -7.57 4.23
N THR A 238 0.58 -6.51 3.64
CA THR A 238 0.00 -5.87 2.47
C THR A 238 1.06 -5.74 1.39
N LEU A 239 0.75 -6.19 0.16
CA LEU A 239 1.70 -6.13 -0.95
C LEU A 239 1.21 -5.20 -2.05
N LEU A 240 2.15 -4.68 -2.83
CA LEU A 240 1.84 -3.90 -4.02
C LEU A 240 2.35 -4.65 -5.25
N TRP A 241 1.48 -4.85 -6.22
CA TRP A 241 1.86 -5.51 -7.47
C TRP A 241 2.16 -4.42 -8.50
N ARG A 242 3.38 -4.45 -9.06
CA ARG A 242 3.89 -3.50 -10.06
C ARG A 242 4.25 -4.31 -11.30
N THR A 243 3.87 -3.83 -12.48
CA THR A 243 4.00 -4.69 -13.66
C THR A 243 4.03 -3.90 -14.97
N ALA A 244 4.86 -4.35 -15.91
CA ALA A 244 4.95 -3.79 -17.27
C ALA A 244 4.13 -4.57 -18.29
N GLU A 245 3.48 -5.66 -17.86
CA GLU A 245 2.79 -6.59 -18.74
C GLU A 245 1.36 -6.78 -18.25
N GLY A 246 0.59 -7.50 -19.07
CA GLY A 246 -0.66 -8.07 -18.62
C GLY A 246 -1.91 -7.30 -18.95
N LEU A 247 -2.87 -7.41 -18.04
CA LEU A 247 -4.17 -6.76 -18.22
C LEU A 247 -4.03 -5.25 -18.33
N SER A 248 -3.19 -4.65 -17.48
CA SER A 248 -3.10 -3.19 -17.43
C SER A 248 -2.55 -2.59 -18.72
N HIS A 249 -1.82 -3.35 -19.53
CA HIS A 249 -1.08 -2.75 -20.63
C HIS A 249 -1.52 -3.20 -22.02
N THR A 250 -2.07 -4.40 -22.14
CA THR A 250 -2.50 -4.94 -23.42
C THR A 250 -4.01 -4.75 -23.58
N PRO A 251 -4.51 -4.30 -24.73
CA PRO A 251 -5.96 -4.31 -25.00
C PRO A 251 -6.50 -5.63 -25.60
N ALA B 1 -21.94 20.89 -8.60
CA ALA B 1 -21.03 20.29 -7.59
C ALA B 1 -19.62 20.88 -7.68
N PRO B 2 -18.86 20.83 -6.59
CA PRO B 2 -17.47 21.29 -6.64
C PRO B 2 -16.60 20.27 -7.36
N VAL B 3 -15.40 20.73 -7.73
CA VAL B 3 -14.44 19.83 -8.37
C VAL B 3 -13.83 18.91 -7.31
N LYS B 4 -13.84 17.60 -7.58
CA LYS B 4 -13.06 16.68 -6.77
C LYS B 4 -11.64 16.63 -7.29
N TYR B 5 -10.68 16.86 -6.39
CA TYR B 5 -9.26 16.82 -6.75
C TYR B 5 -8.72 15.41 -6.72
N GLY B 6 -9.28 14.56 -5.88
CA GLY B 6 -8.69 13.27 -5.58
C GLY B 6 -9.10 12.82 -4.19
N GLU B 7 -8.74 11.58 -3.85
CA GLU B 7 -9.13 10.97 -2.58
C GLU B 7 -7.90 10.35 -1.94
N LEU B 8 -7.82 10.47 -0.62
CA LEU B 8 -6.79 9.78 0.13
C LEU B 8 -7.43 8.60 0.85
N ILE B 9 -6.92 7.40 0.59
CA ILE B 9 -7.38 6.18 1.24
C ILE B 9 -6.26 5.71 2.15
N VAL B 10 -6.58 5.54 3.44
CA VAL B 10 -5.59 5.05 4.39
C VAL B 10 -5.46 3.54 4.26
N LEU B 11 -4.22 3.05 4.12
CA LEU B 11 -3.92 1.63 4.19
C LEU B 11 -3.70 1.26 5.65
N GLY B 12 -4.54 0.38 6.18
CA GLY B 12 -4.48 0.03 7.59
C GLY B 12 -3.48 -1.08 7.87
N TYR B 13 -2.79 -0.93 9.00
CA TYR B 13 -1.81 -1.91 9.45
C TYR B 13 -2.44 -3.05 10.25
N ASN B 14 -3.73 -2.94 10.56
CA ASN B 14 -4.33 -3.84 11.55
C ASN B 14 -4.48 -5.25 11.02
N GLY B 15 -4.61 -5.41 9.70
CA GLY B 15 -5.15 -6.67 9.24
C GLY B 15 -6.64 -6.83 9.49
N SER B 16 -7.32 -5.75 9.87
CA SER B 16 -8.77 -5.73 9.90
C SER B 16 -9.32 -5.53 8.48
N LEU B 17 -10.63 -5.73 8.35
CA LEU B 17 -11.29 -5.52 7.08
C LEU B 17 -11.19 -4.04 6.69
N PRO B 18 -10.93 -3.72 5.43
CA PRO B 18 -10.83 -2.32 5.04
C PRO B 18 -12.14 -1.57 5.31
N ASN B 19 -12.00 -0.43 5.99
CA ASN B 19 -13.10 0.25 6.68
C ASN B 19 -13.92 1.13 5.70
N GLY B 20 -14.89 1.85 6.25
CA GLY B 20 -15.72 2.74 5.46
C GLY B 20 -16.37 3.87 6.25
N LYS B 26 -12.18 9.11 9.12
CA LYS B 26 -12.49 7.85 8.42
C LYS B 26 -11.27 7.40 7.58
N SER B 27 -11.35 6.20 7.01
CA SER B 27 -10.27 5.67 6.19
C SER B 27 -10.15 6.34 4.82
N ARG B 28 -11.16 7.08 4.37
CA ARG B 28 -11.16 7.76 3.09
C ARG B 28 -11.35 9.25 3.32
N PHE B 29 -10.77 10.08 2.43
CA PHE B 29 -11.02 11.51 2.46
C PHE B 29 -10.88 12.06 1.06
N ALA B 30 -11.91 12.73 0.58
CA ALA B 30 -11.84 13.40 -0.71
C ALA B 30 -11.38 14.84 -0.56
N LEU B 31 -10.64 15.32 -1.56
CA LEU B 31 -10.21 16.71 -1.62
C LEU B 31 -11.08 17.42 -2.65
N PHE B 32 -11.62 18.59 -2.29
CA PHE B 32 -12.51 19.32 -3.17
C PHE B 32 -12.06 20.77 -3.34
N LYS B 33 -12.27 21.32 -4.54
CA LYS B 33 -11.90 22.71 -4.83
C LYS B 33 -12.61 23.68 -3.89
N ARG B 34 -11.83 24.51 -3.20
CA ARG B 34 -12.40 25.37 -2.17
C ARG B 34 -13.10 26.57 -2.81
N PRO B 35 -14.08 27.14 -2.09
CA PRO B 35 -14.76 28.34 -2.61
C PRO B 35 -13.86 29.54 -2.86
N LYS B 36 -12.97 29.87 -1.94
CA LYS B 36 -11.88 30.80 -2.21
C LYS B 36 -10.55 30.07 -2.05
N ALA B 37 -9.58 30.40 -2.88
CA ALA B 37 -8.25 29.84 -2.77
C ALA B 37 -7.68 30.04 -1.37
N ASN B 38 -6.89 29.06 -0.90
CA ASN B 38 -6.24 29.16 0.40
C ASN B 38 -4.78 28.71 0.32
N GLY B 39 -4.26 28.48 -0.88
CA GLY B 39 -2.89 28.07 -1.03
C GLY B 39 -1.93 29.22 -0.85
N VAL B 40 -0.70 28.86 -0.48
CA VAL B 40 0.37 29.83 -0.31
C VAL B 40 1.53 29.43 -1.21
N LYS B 41 2.40 30.39 -1.47
CA LYS B 41 3.57 30.22 -2.31
C LYS B 41 4.73 30.96 -1.62
N PRO B 42 5.97 30.56 -1.92
CA PRO B 42 7.12 31.20 -1.25
C PRO B 42 7.27 32.68 -1.58
N SER B 43 7.86 33.40 -0.64
CA SER B 43 7.97 34.86 -0.71
C SER B 43 9.27 35.37 -0.07
N THR B 44 9.16 36.44 0.73
CA THR B 44 10.34 37.17 1.21
C THR B 44 11.17 36.34 2.21
N VAL B 45 12.49 36.31 2.00
CA VAL B 45 13.39 35.64 2.94
C VAL B 45 13.93 36.67 3.92
N HIS B 46 14.01 36.30 5.19
CA HIS B 46 14.64 37.14 6.19
C HIS B 46 15.80 36.40 6.86
N ILE B 47 16.89 37.11 7.10
CA ILE B 47 18.09 36.53 7.69
C ILE B 47 18.28 36.97 9.15
N ALA B 48 17.56 38.01 9.58
CA ALA B 48 17.70 38.56 10.92
C ALA B 48 16.30 38.85 11.45
N CYS B 49 16.20 39.28 12.71
CA CYS B 49 14.89 39.51 13.32
C CYS B 49 14.41 40.94 13.09
N THR B 50 14.28 41.32 11.82
CA THR B 50 13.73 42.61 11.49
C THR B 50 12.25 42.64 11.85
N PRO B 51 11.66 43.83 12.04
CA PRO B 51 10.22 43.84 12.38
C PRO B 51 9.35 43.11 11.37
N GLN B 52 9.78 43.02 10.11
CA GLN B 52 8.98 42.33 9.10
C GLN B 52 9.01 40.81 9.29
N ALA B 53 10.20 40.25 9.56
CA ALA B 53 10.28 38.84 9.93
C ALA B 53 9.51 38.58 11.20
N ALA B 54 9.56 39.52 12.15
CA ALA B 54 8.85 39.36 13.41
C ALA B 54 7.34 39.30 13.18
N LYS B 55 6.82 40.15 12.30
CA LYS B 55 5.42 40.06 11.92
C LYS B 55 5.09 38.68 11.38
N ALA B 56 5.83 38.24 10.35
CA ALA B 56 5.56 36.97 9.68
C ALA B 56 5.39 35.81 10.64
N ILE B 57 6.25 35.71 11.66
CA ILE B 57 6.11 34.63 12.64
C ILE B 57 4.91 34.91 13.54
N SER B 58 4.79 36.13 14.03
CA SER B 58 3.84 36.39 15.10
C SER B 58 2.42 36.53 14.56
N ASN B 59 2.27 37.19 13.43
CA ASN B 59 0.94 37.44 12.87
C ASN B 59 0.29 36.15 12.39
N LYS B 60 -0.88 35.85 12.93
CA LYS B 60 -1.57 34.60 12.61
C LYS B 60 -2.36 34.68 11.32
N ASP B 61 -2.23 35.78 10.59
CA ASP B 61 -2.78 35.91 9.25
C ASP B 61 -1.72 35.74 8.19
N GLN B 62 -0.49 35.48 8.59
CA GLN B 62 0.63 35.33 7.70
C GLN B 62 1.20 33.92 7.84
N HIS B 63 1.73 33.38 6.76
CA HIS B 63 2.40 32.09 6.81
C HIS B 63 3.90 32.29 6.89
N SER B 64 4.56 31.44 7.68
CA SER B 64 6.02 31.49 7.78
C SER B 64 6.56 30.08 7.90
N ILE B 65 7.77 29.89 7.36
CA ILE B 65 8.59 28.73 7.64
C ILE B 65 9.91 29.25 8.17
N SER B 66 10.40 28.66 9.25
CA SER B 66 11.51 29.23 10.00
C SER B 66 12.58 28.16 10.18
N TYR B 67 13.72 28.36 9.52
CA TYR B 67 14.82 27.41 9.50
C TYR B 67 15.84 27.82 10.54
N THR B 68 16.08 26.94 11.51
CA THR B 68 17.04 27.18 12.59
C THR B 68 18.43 26.65 12.21
N LEU B 69 19.37 27.56 11.93
CA LEU B 69 20.71 27.22 11.45
C LEU B 69 21.72 27.07 12.58
N SER B 70 21.60 27.92 13.61
CA SER B 70 22.46 27.87 14.79
C SER B 70 21.77 28.72 15.85
N ARG B 71 22.33 28.72 17.06
CA ARG B 71 21.78 29.53 18.14
C ARG B 71 21.63 30.99 17.74
N ALA B 72 22.53 31.48 16.88
CA ALA B 72 22.56 32.86 16.42
C ALA B 72 21.68 33.12 15.20
N GLN B 73 21.48 32.13 14.35
CA GLN B 73 20.90 32.35 13.03
C GLN B 73 19.59 31.60 12.86
N THR B 74 18.55 32.32 12.47
CA THR B 74 17.30 31.76 12.00
C THR B 74 16.91 32.46 10.71
N VAL B 75 16.63 31.67 9.69
CA VAL B 75 16.07 32.16 8.43
C VAL B 75 14.57 32.03 8.56
N VAL B 76 13.85 33.12 8.29
CA VAL B 76 12.40 33.12 8.29
C VAL B 76 11.97 33.44 6.87
N VAL B 77 11.16 32.57 6.30
CA VAL B 77 10.72 32.69 4.92
C VAL B 77 9.20 32.87 4.92
N GLU B 78 8.74 33.92 4.25
CA GLU B 78 7.32 34.23 4.21
C GLU B 78 6.65 33.41 3.13
N TYR B 79 5.41 33.00 3.39
CA TYR B 79 4.60 32.34 2.36
C TYR B 79 3.36 33.17 2.13
N THR B 80 3.29 33.77 0.96
CA THR B 80 2.20 34.68 0.65
C THR B 80 1.09 33.95 -0.09
N HIS B 81 -0.09 34.57 -0.09
CA HIS B 81 -1.28 33.96 -0.62
C HIS B 81 -1.11 33.65 -2.10
N ASP B 82 -1.58 32.47 -2.51
CA ASP B 82 -1.59 32.07 -3.91
C ASP B 82 -3.03 31.83 -4.34
N SER B 83 -3.52 32.64 -5.27
CA SER B 83 -4.89 32.54 -5.72
C SER B 83 -5.11 31.38 -6.68
N ASN B 84 -4.04 30.77 -7.22
CA ASN B 84 -4.17 29.68 -8.18
C ASN B 84 -4.36 28.31 -7.55
N THR B 85 -4.16 28.16 -6.24
CA THR B 85 -4.00 26.83 -5.66
C THR B 85 -4.77 26.71 -4.36
N ASP B 86 -5.21 25.50 -4.06
CA ASP B 86 -5.79 25.15 -2.76
C ASP B 86 -4.82 24.30 -1.95
N MET B 87 -4.83 24.48 -0.64
CA MET B 87 -3.88 23.78 0.22
C MET B 87 -4.63 22.91 1.21
N PHE B 88 -4.22 21.64 1.28
CA PHE B 88 -4.77 20.67 2.23
C PHE B 88 -3.62 20.08 3.02
N GLN B 89 -3.84 19.87 4.32
CA GLN B 89 -2.79 19.36 5.20
C GLN B 89 -3.23 18.06 5.89
N ILE B 90 -2.26 17.21 6.20
CA ILE B 90 -2.51 15.91 6.81
C ILE B 90 -1.64 15.79 8.06
N GLY B 91 -2.20 15.23 9.13
CA GLY B 91 -1.36 15.00 10.30
C GLY B 91 -2.10 14.37 11.45
N ARG B 92 -1.33 14.09 12.51
CA ARG B 92 -1.87 13.44 13.71
C ARG B 92 -2.76 14.38 14.51
N SER B 93 -2.48 15.69 14.50
CA SER B 93 -3.27 16.65 15.27
C SER B 93 -4.70 16.69 14.76
N THR B 94 -5.60 17.19 15.61
CA THR B 94 -7.00 17.35 15.24
C THR B 94 -7.39 18.82 15.10
N GLU B 95 -6.39 19.72 15.15
CA GLU B 95 -6.60 21.16 15.15
C GLU B 95 -7.10 21.65 13.78
N SER B 96 -7.64 22.88 13.78
CA SER B 96 -8.16 23.57 12.60
C SER B 96 -7.32 23.38 11.32
N PRO B 97 -5.98 23.46 11.37
CA PRO B 97 -5.22 23.34 10.11
C PRO B 97 -5.29 21.98 9.42
N ILE B 98 -5.69 20.92 10.11
CA ILE B 98 -5.51 19.55 9.61
C ILE B 98 -6.80 19.09 8.93
N ASP B 99 -6.80 19.13 7.60
CA ASP B 99 -7.93 18.68 6.80
C ASP B 99 -8.19 17.20 6.97
N PHE B 100 -7.16 16.41 7.25
CA PHE B 100 -7.32 14.96 7.31
C PHE B 100 -6.45 14.45 8.46
N VAL B 101 -7.09 14.08 9.56
CA VAL B 101 -6.38 13.57 10.73
C VAL B 101 -6.06 12.11 10.48
N VAL B 102 -4.79 11.73 10.66
CA VAL B 102 -4.38 10.34 10.54
C VAL B 102 -3.91 9.88 11.91
N THR B 103 -3.88 8.56 12.09
CA THR B 103 -3.61 7.90 13.37
C THR B 103 -2.74 6.67 13.18
N ASP B 104 -1.94 6.39 14.20
CA ASP B 104 -1.22 5.12 14.25
C ASP B 104 -2.20 3.94 14.20
N THR B 105 -1.83 2.93 13.42
CA THR B 105 -2.64 1.70 13.27
C THR B 105 -1.87 0.46 13.77
N VAL B 118 1.32 6.62 24.61
CA VAL B 118 0.61 7.33 23.55
C VAL B 118 1.62 8.17 22.73
N GLN B 119 2.74 7.52 22.39
CA GLN B 119 3.79 8.14 21.61
C GLN B 119 3.61 7.88 20.13
N SER B 120 3.86 8.92 19.32
CA SER B 120 3.58 8.86 17.90
C SER B 120 4.79 9.37 17.15
N THR B 121 5.17 8.62 16.10
CA THR B 121 6.15 9.06 15.14
C THR B 121 5.54 9.93 14.05
N ILE B 122 4.22 10.00 14.00
CA ILE B 122 3.55 10.78 12.97
C ILE B 122 3.55 12.24 13.38
N SER B 123 3.76 13.12 12.43
CA SER B 123 3.75 14.52 12.78
C SER B 123 2.32 15.01 13.04
N ARG B 124 2.22 16.02 13.88
CA ARG B 124 0.93 16.69 14.04
C ARG B 124 0.52 17.34 12.73
N PHE B 125 1.44 18.05 12.10
CA PHE B 125 1.23 18.65 10.80
C PHE B 125 2.29 18.06 9.88
N ALA B 126 1.94 16.97 9.21
CA ALA B 126 2.93 16.14 8.54
C ALA B 126 3.26 16.58 7.13
N CYS B 127 2.31 17.17 6.40
CA CYS B 127 2.54 17.48 5.01
C CYS B 127 1.36 18.30 4.50
N ARG B 128 1.54 18.93 3.34
CA ARG B 128 0.48 19.64 2.66
C ARG B 128 0.42 19.16 1.22
N ILE B 129 -0.79 18.99 0.72
CA ILE B 129 -1.04 18.82 -0.70
C ILE B 129 -1.51 20.15 -1.25
N ILE B 130 -0.85 20.62 -2.30
CA ILE B 130 -1.27 21.82 -3.00
C ILE B 130 -1.82 21.42 -4.36
N CYS B 131 -3.05 21.87 -4.65
CA CYS B 131 -3.76 21.53 -5.87
C CYS B 131 -4.01 22.78 -6.70
N GLU B 132 -3.60 22.74 -7.96
CA GLU B 132 -3.91 23.80 -8.91
C GLU B 132 -5.43 23.89 -9.06
N ARG B 133 -5.97 25.10 -8.98
CA ARG B 133 -7.42 25.30 -9.03
C ARG B 133 -7.99 25.28 -10.45
N ASN B 134 -7.15 25.18 -11.48
CA ASN B 134 -7.54 25.14 -12.88
C ASN B 134 -7.16 23.81 -13.49
N PRO B 135 -7.84 23.37 -14.55
CA PRO B 135 -7.51 22.11 -15.19
C PRO B 135 -6.04 22.06 -15.56
N PRO B 136 -5.38 20.89 -15.40
CA PRO B 136 -5.94 19.62 -14.96
C PRO B 136 -5.89 19.38 -13.45
N PHE B 137 -5.76 20.41 -12.60
CA PHE B 137 -5.87 20.26 -11.14
C PHE B 137 -4.73 19.43 -10.55
N THR B 138 -3.51 19.66 -11.05
CA THR B 138 -2.34 18.91 -10.59
C THR B 138 -2.11 19.08 -9.09
N ALA B 139 -1.77 17.97 -8.42
CA ALA B 139 -1.55 17.92 -6.99
C ALA B 139 -0.09 17.66 -6.68
N ARG B 140 0.48 18.46 -5.77
CA ARG B 140 1.88 18.33 -5.39
C ARG B 140 2.00 18.20 -3.87
N ILE B 141 2.95 17.39 -3.40
CA ILE B 141 3.14 17.17 -1.97
C ILE B 141 4.39 17.89 -1.46
N TYR B 142 4.29 18.50 -0.27
CA TYR B 142 5.41 19.13 0.41
C TYR B 142 5.48 18.58 1.82
N ALA B 143 6.70 18.31 2.31
CA ALA B 143 6.85 17.90 3.70
C ALA B 143 6.47 19.05 4.63
N ALA B 144 6.03 18.69 5.84
CA ALA B 144 5.63 19.59 6.93
C ALA B 144 4.32 20.32 6.65
N GLY B 145 3.55 20.64 7.70
CA GLY B 145 2.33 21.40 7.58
C GLY B 145 2.32 22.61 8.48
N PHE B 146 1.67 23.68 8.03
CA PHE B 146 1.59 24.90 8.82
C PHE B 146 0.68 24.67 10.02
N ASP B 147 1.18 24.99 11.21
CA ASP B 147 0.39 24.85 12.44
C ASP B 147 -0.69 25.91 12.52
N SER B 148 -1.23 26.12 13.73
CA SER B 148 -2.32 27.07 13.93
C SER B 148 -1.86 28.51 13.96
N SER B 149 -0.57 28.74 14.17
CA SER B 149 0.02 30.06 14.01
C SER B 149 0.46 30.30 12.57
N LYS B 150 0.01 29.45 11.65
CA LYS B 150 0.43 29.49 10.25
C LYS B 150 1.95 29.47 10.14
N ASN B 151 2.59 28.71 11.04
CA ASN B 151 4.03 28.59 11.15
C ASN B 151 4.51 27.17 10.94
N ILE B 152 5.67 27.04 10.29
CA ILE B 152 6.46 25.81 10.21
C ILE B 152 7.84 26.14 10.80
N PHE B 153 8.36 25.23 11.64
CA PHE B 153 9.65 25.38 12.30
C PHE B 153 10.51 24.14 12.03
N LEU B 154 11.73 24.34 11.57
CA LEU B 154 12.72 23.28 11.50
C LEU B 154 13.84 23.61 12.47
N GLY B 155 14.02 22.75 13.47
CA GLY B 155 14.96 23.02 14.53
C GLY B 155 16.39 22.84 14.10
N GLU B 156 17.29 23.22 15.00
CA GLU B 156 18.71 23.16 14.69
C GLU B 156 19.12 21.75 14.24
N LYS B 157 18.58 20.72 14.90
CA LYS B 157 19.03 19.36 14.61
C LYS B 157 18.52 18.85 13.27
N ALA B 158 17.50 19.49 12.69
CA ALA B 158 16.93 19.03 11.43
C ALA B 158 17.94 19.16 10.29
N ALA B 159 17.72 18.38 9.24
CA ALA B 159 18.58 18.41 8.08
C ALA B 159 18.15 19.56 7.19
N LYS B 160 19.03 20.51 6.97
CA LYS B 160 18.71 21.62 6.10
C LYS B 160 19.94 21.97 5.29
N TRP B 161 19.75 22.76 4.25
CA TRP B 161 20.83 23.08 3.33
C TRP B 161 20.42 24.32 2.56
N LYS B 162 21.42 24.92 1.92
CA LYS B 162 21.25 26.04 0.98
C LYS B 162 21.39 25.49 -0.43
N THR B 163 20.41 25.78 -1.28
CA THR B 163 20.40 25.21 -2.62
C THR B 163 21.39 25.96 -3.54
N SER B 164 21.42 25.56 -4.80
CA SER B 164 22.34 26.17 -5.75
C SER B 164 21.94 27.60 -6.09
N ASP B 165 20.66 27.95 -5.99
CA ASP B 165 20.26 29.34 -6.20
C ASP B 165 20.13 30.10 -4.89
N GLY B 166 20.66 29.53 -3.81
CA GLY B 166 20.77 30.25 -2.55
C GLY B 166 19.54 30.27 -1.70
N GLN B 167 18.66 29.30 -1.85
CA GLN B 167 17.43 29.22 -1.10
C GLN B 167 17.54 28.18 0.02
N MET B 168 16.70 28.32 1.03
CA MET B 168 16.65 27.32 2.08
C MET B 168 15.75 26.14 1.66
N ASP B 169 16.10 24.94 2.16
CA ASP B 169 15.32 23.73 1.99
C ASP B 169 15.70 22.78 3.13
N GLY B 170 14.79 21.88 3.47
CA GLY B 170 15.17 20.91 4.49
C GLY B 170 14.16 19.80 4.59
N LEU B 171 14.41 18.89 5.53
CA LEU B 171 13.60 17.71 5.74
C LEU B 171 13.07 17.67 7.15
N THR B 172 11.84 17.17 7.30
CA THR B 172 11.37 16.96 8.65
C THR B 172 12.12 15.79 9.28
N THR B 173 11.85 15.61 10.56
CA THR B 173 12.60 14.66 11.38
C THR B 173 12.54 13.25 10.82
N ASN B 174 11.34 12.69 10.75
CA ASN B 174 11.17 11.36 10.16
C ASN B 174 10.87 11.42 8.67
N GLY B 175 10.63 12.61 8.12
CA GLY B 175 10.50 12.81 6.69
C GLY B 175 9.14 12.41 6.15
N VAL B 176 8.90 12.78 4.89
CA VAL B 176 7.73 12.34 4.14
C VAL B 176 8.22 11.58 2.91
N LEU B 177 7.67 10.38 2.71
CA LEU B 177 8.12 9.43 1.69
C LEU B 177 6.99 9.20 0.69
N VAL B 178 7.35 9.09 -0.58
CA VAL B 178 6.38 8.99 -1.66
C VAL B 178 6.85 7.95 -2.68
N MET B 179 5.92 7.13 -3.15
CA MET B 179 6.19 6.19 -4.21
C MET B 179 5.28 6.53 -5.37
N HIS B 180 5.85 6.69 -6.53
CA HIS B 180 5.11 6.94 -7.75
C HIS B 180 4.93 5.66 -8.53
N PRO B 181 3.86 5.57 -9.34
CA PRO B 181 3.60 4.36 -10.13
C PRO B 181 4.38 4.30 -11.44
N ARG B 182 4.79 5.48 -11.93
CA ARG B 182 5.58 5.63 -13.14
C ARG B 182 6.67 6.66 -12.87
N ASN B 183 7.81 6.54 -13.57
CA ASN B 183 8.94 7.46 -13.38
C ASN B 183 8.77 8.74 -14.21
N GLY B 184 9.73 9.05 -15.09
CA GLY B 184 9.61 10.24 -15.92
C GLY B 184 10.80 10.53 -16.81
N PRO B 191 9.70 -1.03 -11.16
CA PRO B 191 10.57 -0.57 -10.07
C PRO B 191 9.89 0.43 -9.13
N GLY B 192 9.23 -0.07 -8.09
CA GLY B 192 8.56 0.77 -7.12
C GLY B 192 9.48 1.16 -5.96
N ILE B 193 9.99 2.40 -6.03
CA ILE B 193 11.09 2.86 -5.20
C ILE B 193 10.66 4.09 -4.44
N TRP B 194 10.91 4.09 -3.13
CA TRP B 194 10.51 5.18 -2.28
C TRP B 194 11.49 6.33 -2.41
N ARG B 195 10.95 7.55 -2.45
CA ARG B 195 11.71 8.77 -2.47
C ARG B 195 11.28 9.66 -1.31
N GLU B 196 12.15 10.59 -0.92
CA GLU B 196 11.84 11.56 0.13
C GLU B 196 11.47 12.90 -0.46
N ILE B 197 10.53 13.57 0.19
CA ILE B 197 10.01 14.85 -0.24
C ILE B 197 10.40 15.89 0.80
N SER B 198 10.95 17.00 0.33
CA SER B 198 11.46 18.04 1.21
C SER B 198 10.38 19.09 1.46
N VAL B 199 10.67 20.00 2.39
CA VAL B 199 9.70 21.02 2.74
C VAL B 199 9.44 21.94 1.54
N CYS B 200 10.33 21.97 0.57
CA CYS B 200 10.09 22.76 -0.62
C CYS B 200 9.65 21.92 -1.83
N GLY B 201 9.31 20.66 -1.64
CA GLY B 201 8.82 19.85 -2.74
C GLY B 201 9.86 19.21 -3.62
N ASN B 202 11.12 19.16 -3.19
CA ASN B 202 12.14 18.48 -3.97
C ASN B 202 12.23 17.02 -3.56
N VAL B 203 12.85 16.23 -4.42
CA VAL B 203 12.80 14.78 -4.32
C VAL B 203 14.21 14.27 -4.07
N PHE B 204 14.37 13.44 -3.04
CA PHE B 204 15.66 12.88 -2.69
C PHE B 204 15.56 11.38 -2.48
N SER B 205 16.67 10.70 -2.69
CA SER B 205 16.77 9.30 -2.31
C SER B 205 16.67 9.16 -0.79
N LEU B 206 16.44 7.95 -0.36
CA LEU B 206 16.15 7.71 1.04
C LEU B 206 17.40 7.98 1.88
N ARG B 207 17.17 8.30 3.16
CA ARG B 207 18.27 8.41 4.10
C ARG B 207 18.83 7.04 4.43
N GLU B 208 19.95 7.04 5.18
CA GLU B 208 20.54 5.77 5.63
C GLU B 208 19.76 5.16 6.78
N THR B 209 19.13 5.99 7.60
CA THR B 209 18.15 5.55 8.58
C THR B 209 17.05 6.59 8.60
N ARG B 210 15.87 6.18 9.06
CA ARG B 210 14.66 7.00 8.94
C ARG B 210 14.84 8.41 9.51
N SER B 211 15.47 8.54 10.68
CA SER B 211 15.67 9.82 11.38
C SER B 211 17.06 10.42 11.20
N ALA B 212 17.88 9.91 10.27
CA ALA B 212 19.25 10.37 10.11
C ALA B 212 19.32 11.87 9.80
N GLN B 213 20.34 12.57 10.32
CA GLN B 213 20.41 14.04 10.15
C GLN B 213 21.12 14.38 8.85
N GLN B 214 21.17 13.44 7.92
CA GLN B 214 21.85 13.57 6.64
C GLN B 214 20.87 13.22 5.51
N ARG B 215 20.77 14.08 4.52
CA ARG B 215 19.84 13.86 3.41
C ARG B 215 20.42 12.91 2.38
N GLY B 216 19.52 12.20 1.68
CA GLY B 216 19.88 11.45 0.50
C GLY B 216 20.30 12.35 -0.65
N LYS B 217 20.61 11.70 -1.76
CA LYS B 217 21.09 12.40 -2.95
C LYS B 217 19.92 12.94 -3.74
N MET B 218 20.02 14.18 -4.21
CA MET B 218 18.92 14.74 -4.99
C MET B 218 18.62 13.89 -6.20
N VAL B 219 17.35 13.58 -6.39
CA VAL B 219 16.86 12.94 -7.59
C VAL B 219 16.27 14.02 -8.48
N GLU B 220 16.76 14.07 -9.71
CA GLU B 220 16.58 15.18 -10.64
C GLU B 220 15.30 15.08 -11.49
N ILE B 221 15.07 13.93 -12.13
CA ILE B 221 13.96 13.82 -13.07
C ILE B 221 12.60 13.79 -12.35
N GLU B 222 12.49 13.03 -11.26
CA GLU B 222 11.21 12.88 -10.58
C GLU B 222 10.76 14.19 -9.93
N THR B 223 9.45 14.29 -9.67
CA THR B 223 8.88 15.46 -9.03
C THR B 223 7.98 15.03 -7.89
N ASN B 224 7.49 16.04 -7.16
CA ASN B 224 6.57 15.86 -6.05
C ASN B 224 5.12 15.94 -6.48
N GLN B 225 4.85 15.86 -7.79
CA GLN B 225 3.50 15.69 -8.28
C GLN B 225 2.97 14.33 -7.89
N LEU B 226 1.74 14.31 -7.37
CA LEU B 226 1.07 13.06 -6.98
C LEU B 226 0.33 12.51 -8.19
N GLN B 227 0.89 11.49 -8.82
CA GLN B 227 0.17 10.77 -9.86
C GLN B 227 -0.90 9.87 -9.24
N ASP B 228 -1.95 9.64 -10.00
CA ASP B 228 -2.93 8.61 -9.68
C ASP B 228 -2.23 7.36 -9.20
N GLY B 229 -2.59 6.90 -8.00
CA GLY B 229 -1.98 5.70 -7.46
C GLY B 229 -0.66 5.92 -6.78
N SER B 230 -0.35 7.15 -6.38
CA SER B 230 0.85 7.42 -5.64
C SER B 230 0.67 6.93 -4.20
N LEU B 231 1.78 6.57 -3.54
CA LEU B 231 1.75 6.12 -2.16
C LEU B 231 2.46 7.12 -1.26
N ILE B 232 1.87 7.41 -0.10
CA ILE B 232 2.40 8.41 0.83
C ILE B 232 2.69 7.73 2.15
N ASP B 233 3.87 7.98 2.71
CA ASP B 233 4.29 7.38 3.97
C ASP B 233 4.60 8.49 4.95
N LEU B 234 4.00 8.42 6.13
CA LEU B 234 4.13 9.50 7.10
C LEU B 234 4.67 9.00 8.44
N CYS B 235 5.34 7.84 8.45
CA CYS B 235 5.94 7.26 9.65
C CYS B 235 4.87 6.77 10.64
N GLY B 236 4.19 5.72 10.22
CA GLY B 236 3.13 5.11 10.98
C GLY B 236 1.82 5.09 10.26
N ALA B 237 1.72 5.85 9.17
CA ALA B 237 0.55 5.86 8.30
C ALA B 237 1.03 5.82 6.85
N THR B 238 0.45 4.92 6.07
CA THR B 238 0.65 4.86 4.62
C THR B 238 -0.67 5.20 3.95
N LEU B 239 -0.62 6.00 2.88
CA LEU B 239 -1.81 6.55 2.24
C LEU B 239 -1.75 6.36 0.73
N LEU B 240 -2.89 6.03 0.14
CA LEU B 240 -3.02 5.91 -1.31
C LEU B 240 -3.76 7.12 -1.86
N TRP B 241 -3.22 7.70 -2.93
CA TRP B 241 -3.79 8.86 -3.60
C TRP B 241 -4.36 8.43 -4.94
N ARG B 242 -5.66 8.67 -5.15
CA ARG B 242 -6.35 8.42 -6.40
C ARG B 242 -6.78 9.75 -7.02
N THR B 243 -6.76 9.79 -8.35
CA THR B 243 -7.00 11.00 -9.11
C THR B 243 -8.38 10.98 -9.77
N ALA C 1 -2.38 14.74 25.51
CA ALA C 1 -3.14 13.78 24.71
C ALA C 1 -2.27 13.11 23.65
N TYR C 2 -2.87 12.20 22.88
CA TYR C 2 -2.13 11.54 21.80
C TYR C 2 -1.86 12.51 20.65
N GLU C 3 -2.85 13.34 20.29
CA GLU C 3 -2.74 14.26 19.17
C GLU C 3 -1.90 15.49 19.47
N ASP C 4 -1.54 15.72 20.73
CA ASP C 4 -0.77 16.89 21.09
C ASP C 4 0.66 16.57 21.47
N SER C 5 0.95 15.30 21.76
CA SER C 5 2.31 14.89 22.05
C SER C 5 3.25 15.32 20.93
N GLU C 6 4.53 15.32 21.24
CA GLU C 6 5.56 15.74 20.30
C GLU C 6 5.97 14.58 19.39
N GLN C 8 8.00 11.96 17.93
CA GLN C 8 9.13 11.11 18.28
C GLN C 8 10.01 10.78 17.09
N PRO C 9 11.33 10.82 17.27
CA PRO C 9 12.24 10.36 16.21
C PRO C 9 12.24 8.83 16.13
N PHE C 10 12.14 8.32 14.90
CA PHE C 10 12.04 6.87 14.71
C PHE C 10 13.29 6.14 15.19
N ASP C 11 14.45 6.77 15.10
CA ASP C 11 15.72 6.14 15.54
C ASP C 11 16.12 6.58 16.93
N ALA D 1 8.14 -21.84 16.91
CA ALA D 1 8.43 -21.50 15.52
C ALA D 1 7.33 -20.61 14.90
N TYR D 2 7.60 -19.30 14.79
CA TYR D 2 6.61 -18.38 14.24
C TYR D 2 6.18 -18.80 12.82
N GLU D 3 7.09 -19.40 12.06
CA GLU D 3 6.77 -19.87 10.71
C GLU D 3 5.87 -21.10 10.75
N ASP D 4 6.09 -21.99 11.73
CA ASP D 4 5.37 -23.25 11.83
C ASP D 4 4.11 -23.14 12.70
N SER D 5 3.75 -21.94 13.14
CA SER D 5 2.53 -21.77 13.91
C SER D 5 1.33 -22.05 13.01
N GLU D 6 0.14 -22.16 13.61
CA GLU D 6 -1.11 -22.31 12.83
C GLU D 6 -1.83 -20.95 12.66
N GLN D 8 -4.12 -18.38 13.10
CA GLN D 8 -5.20 -18.01 14.03
C GLN D 8 -6.21 -17.07 13.36
N PRO D 9 -7.48 -17.18 13.75
CA PRO D 9 -8.50 -16.28 13.20
C PRO D 9 -8.33 -14.85 13.69
N PHE D 10 -8.49 -13.89 12.78
CA PHE D 10 -8.44 -12.49 13.18
C PHE D 10 -9.59 -12.16 14.13
N ASP D 11 -10.79 -12.65 13.84
CA ASP D 11 -11.93 -12.41 14.71
C ASP D 11 -11.66 -12.89 16.13
#